data_5WA9
#
_entry.id   5WA9
#
_cell.length_a   77.572
_cell.length_b   46.079
_cell.length_c   64.212
_cell.angle_alpha   90.000
_cell.angle_beta   94.780
_cell.angle_gamma   90.000
#
_symmetry.space_group_name_H-M   'C 1 2 1'
#
loop_
_entity.id
_entity.type
_entity.pdbx_description
1 polymer 'Histidine triad nucleotide-binding protein 1'
2 non-polymer '[(2~{R},3~{S},4~{R},5~{R})-5-(6-aminopurin-9-yl)-3,4-bis(oxidanyl)oxolan-2-yl]methoxy-~{N}-[(2~{R})-1-methoxy-1-oxidanylidene-propan-2-yl]phosphonamidic acid'
3 non-polymer 'CHLORIDE ION'
4 water water
#
_entity_poly.entity_id   1
_entity_poly.type   'polypeptide(L)'
_entity_poly.pdbx_seq_one_letter_code
;SNAMADEIAKAQVARPGGDTIFGKIIRKEIPAKIIFEDDRCLAFHDISPQAPTHFLVIPKKHISQISVAEDDDESLLGHL
MIVGKKCAADLGLNKGYRMVVNEGSDGGQSVYHVNLHVLGGRQMHWPPG
;
_entity_poly.pdbx_strand_id   A,B
#
# COMPACT_ATOMS: atom_id res chain seq x y z
N ARG A 15 -24.60 7.49 -6.46
CA ARG A 15 -24.40 6.33 -7.32
C ARG A 15 -23.38 5.38 -6.70
N PRO A 16 -23.59 4.08 -6.86
CA PRO A 16 -22.64 3.11 -6.29
C PRO A 16 -21.26 3.30 -6.90
N GLY A 17 -20.30 3.65 -6.03
CA GLY A 17 -18.94 3.92 -6.46
C GLY A 17 -18.58 5.39 -6.52
N GLY A 18 -19.56 6.29 -6.49
CA GLY A 18 -19.30 7.72 -6.60
C GLY A 18 -19.16 8.18 -8.05
N ASP A 19 -18.90 9.49 -8.22
CA ASP A 19 -18.74 10.05 -9.55
C ASP A 19 -17.33 10.50 -9.86
N THR A 20 -16.33 10.13 -9.05
CA THR A 20 -14.97 10.24 -9.57
C THR A 20 -14.86 9.35 -10.79
N ILE A 21 -13.78 9.54 -11.54
CA ILE A 21 -13.59 8.72 -12.73
C ILE A 21 -13.52 7.24 -12.36
N PHE A 22 -13.09 6.91 -11.14
CA PHE A 22 -13.06 5.51 -10.74
C PHE A 22 -14.45 4.96 -10.49
N GLY A 23 -15.36 5.78 -9.95
CA GLY A 23 -16.76 5.38 -9.89
C GLY A 23 -17.35 5.13 -11.27
N LYS A 24 -17.01 6.01 -12.22
CA LYS A 24 -17.45 5.82 -13.60
C LYS A 24 -16.92 4.51 -14.17
N ILE A 25 -15.65 4.21 -13.89
CA ILE A 25 -15.05 2.96 -14.37
C ILE A 25 -15.74 1.75 -13.76
N ILE A 26 -16.00 1.80 -12.45
CA ILE A 26 -16.69 0.70 -11.76
C ILE A 26 -18.02 0.39 -12.43
N ARG A 27 -18.77 1.42 -12.83
CA ARG A 27 -20.08 1.23 -13.43
C ARG A 27 -20.02 1.06 -14.95
N LYS A 28 -18.84 0.87 -15.52
CA LYS A 28 -18.68 0.63 -16.96
C LYS A 28 -19.12 1.82 -17.80
N GLU A 29 -19.08 3.02 -17.24
CA GLU A 29 -19.50 4.22 -17.96
C GLU A 29 -18.36 4.90 -18.70
N ILE A 30 -17.12 4.64 -18.30
CA ILE A 30 -15.95 5.02 -19.10
C ILE A 30 -15.05 3.79 -19.18
N PRO A 31 -14.26 3.64 -20.24
CA PRO A 31 -13.57 2.38 -20.46
C PRO A 31 -12.35 2.20 -19.58
N ALA A 32 -12.02 0.94 -19.37
CA ALA A 32 -10.82 0.57 -18.63
C ALA A 32 -10.35 -0.79 -19.12
N LYS A 33 -9.06 -1.04 -18.94
CA LYS A 33 -8.46 -2.33 -19.26
C LYS A 33 -8.39 -3.11 -17.96
N ILE A 34 -9.39 -3.96 -17.76
CA ILE A 34 -9.59 -4.60 -16.48
CA ILE A 34 -9.63 -4.62 -16.49
C ILE A 34 -8.79 -5.89 -16.41
N ILE A 35 -8.13 -6.08 -15.27
CA ILE A 35 -7.35 -7.28 -14.98
C ILE A 35 -8.16 -8.28 -14.17
N PHE A 36 -8.89 -7.78 -13.17
CA PHE A 36 -9.60 -8.63 -12.23
C PHE A 36 -10.75 -7.82 -11.65
N GLU A 37 -11.86 -8.50 -11.39
CA GLU A 37 -13.01 -7.85 -10.78
C GLU A 37 -13.70 -8.83 -9.84
N ASP A 38 -14.04 -8.37 -8.63
CA ASP A 38 -14.92 -9.14 -7.76
C ASP A 38 -15.95 -8.20 -7.14
N ASP A 39 -16.67 -8.68 -6.14
CA ASP A 39 -17.72 -7.88 -5.53
C ASP A 39 -17.16 -6.73 -4.70
N ARG A 40 -15.89 -6.81 -4.30
CA ARG A 40 -15.29 -5.82 -3.43
CA ARG A 40 -15.31 -5.80 -3.43
C ARG A 40 -14.35 -4.84 -4.12
N CYS A 41 -13.81 -5.20 -5.28
CA CYS A 41 -12.74 -4.38 -5.83
C CYS A 41 -12.60 -4.62 -7.33
N LEU A 42 -11.75 -3.79 -7.94
CA LEU A 42 -11.50 -3.79 -9.36
C LEU A 42 -10.03 -3.49 -9.57
N ALA A 43 -9.36 -4.27 -10.42
CA ALA A 43 -7.98 -4.01 -10.80
C ALA A 43 -7.92 -3.68 -12.29
N PHE A 44 -7.24 -2.60 -12.64
CA PHE A 44 -7.23 -2.14 -14.02
C PHE A 44 -5.95 -1.35 -14.28
N HIS A 45 -5.55 -1.29 -15.54
CA HIS A 45 -4.28 -0.67 -15.88
C HIS A 45 -4.34 0.85 -15.79
N ASP A 46 -3.24 1.45 -15.31
CA ASP A 46 -3.16 2.90 -15.23
C ASP A 46 -2.96 3.50 -16.62
N ILE A 47 -3.67 4.60 -16.91
CA ILE A 47 -3.60 5.27 -18.21
CA ILE A 47 -3.55 5.20 -18.24
C ILE A 47 -2.27 5.98 -18.43
N SER A 48 -1.54 6.26 -17.35
CA SER A 48 -0.24 6.95 -17.42
CA SER A 48 -0.24 6.95 -17.42
C SER A 48 0.78 6.11 -16.68
N PRO A 49 1.17 4.98 -17.27
CA PRO A 49 2.04 4.04 -16.55
C PRO A 49 3.42 4.61 -16.25
N GLN A 50 3.89 4.38 -15.04
CA GLN A 50 5.20 4.80 -14.58
C GLN A 50 6.20 3.65 -14.53
N ALA A 51 5.78 2.48 -14.98
CA ALA A 51 6.64 1.31 -15.04
C ALA A 51 6.08 0.43 -16.14
N PRO A 52 6.86 -0.56 -16.61
CA PRO A 52 6.37 -1.40 -17.71
C PRO A 52 5.02 -2.04 -17.43
N THR A 53 4.78 -2.42 -16.18
CA THR A 53 3.45 -2.79 -15.71
C THR A 53 3.08 -1.84 -14.58
N HIS A 54 1.90 -1.23 -14.69
CA HIS A 54 1.43 -0.30 -13.68
C HIS A 54 -0.08 -0.36 -13.68
N PHE A 55 -0.65 -0.94 -12.62
CA PHE A 55 -2.09 -1.05 -12.50
C PHE A 55 -2.54 -0.56 -11.14
N LEU A 56 -3.86 -0.41 -11.03
CA LEU A 56 -4.51 0.10 -9.84
C LEU A 56 -5.48 -0.95 -9.32
N VAL A 57 -5.62 -1.02 -8.00
CA VAL A 57 -6.65 -1.82 -7.37
C VAL A 57 -7.46 -0.86 -6.51
N ILE A 58 -8.77 -0.82 -6.76
CA ILE A 58 -9.66 0.11 -6.06
C ILE A 58 -10.81 -0.65 -5.42
N PRO A 59 -11.32 -0.18 -4.28
CA PRO A 59 -12.56 -0.75 -3.76
C PRO A 59 -13.73 -0.32 -4.60
N LYS A 60 -14.76 -1.17 -4.65
CA LYS A 60 -16.02 -0.75 -5.24
C LYS A 60 -16.78 0.19 -4.32
N LYS A 61 -16.67 -0.02 -3.00
CA LYS A 61 -17.17 0.96 -2.04
C LYS A 61 -16.36 2.23 -2.15
N HIS A 62 -17.04 3.37 -2.28
CA HIS A 62 -16.33 4.63 -2.37
C HIS A 62 -15.78 5.03 -1.00
N ILE A 63 -14.46 5.15 -0.92
CA ILE A 63 -13.75 5.76 0.21
C ILE A 63 -12.85 6.81 -0.42
N SER A 64 -12.94 8.05 0.05
CA SER A 64 -12.26 9.13 -0.68
C SER A 64 -10.75 9.03 -0.60
N GLN A 65 -10.22 8.57 0.53
CA GLN A 65 -8.78 8.59 0.76
C GLN A 65 -8.51 7.79 2.02
N ILE A 66 -7.28 7.27 2.14
CA ILE A 66 -6.98 6.36 3.23
C ILE A 66 -7.17 7.04 4.59
N SER A 67 -6.95 8.35 4.68
CA SER A 67 -7.05 9.02 5.97
C SER A 67 -8.45 8.97 6.56
N VAL A 68 -9.48 8.73 5.75
CA VAL A 68 -10.86 8.66 6.24
C VAL A 68 -11.41 7.24 6.27
N ALA A 69 -10.59 6.23 6.00
CA ALA A 69 -11.05 4.85 6.09
C ALA A 69 -11.48 4.53 7.52
N GLU A 70 -12.52 3.73 7.64
CA GLU A 70 -13.04 3.36 8.94
C GLU A 70 -12.36 2.09 9.44
N ASP A 71 -12.45 1.86 10.76
CA ASP A 71 -11.85 0.65 11.33
C ASP A 71 -12.41 -0.60 10.67
N ASP A 72 -13.70 -0.60 10.33
CA ASP A 72 -14.31 -1.77 9.71
C ASP A 72 -13.90 -1.95 8.26
N ASP A 73 -13.12 -1.03 7.69
CA ASP A 73 -12.60 -1.19 6.34
C ASP A 73 -11.33 -2.03 6.27
N GLU A 74 -10.85 -2.58 7.40
CA GLU A 74 -9.57 -3.30 7.40
C GLU A 74 -9.57 -4.45 6.41
N SER A 75 -10.61 -5.28 6.43
CA SER A 75 -10.62 -6.44 5.55
CA SER A 75 -10.62 -6.44 5.55
C SER A 75 -10.61 -6.01 4.09
N LEU A 76 -11.36 -4.97 3.76
CA LEU A 76 -11.41 -4.47 2.39
C LEU A 76 -10.05 -3.95 1.96
N LEU A 77 -9.39 -3.17 2.81
CA LEU A 77 -8.08 -2.64 2.46
C LEU A 77 -7.07 -3.75 2.28
N GLY A 78 -7.08 -4.74 3.18
CA GLY A 78 -6.19 -5.88 3.00
C GLY A 78 -6.50 -6.65 1.72
N HIS A 79 -7.79 -6.73 1.36
CA HIS A 79 -8.17 -7.40 0.13
C HIS A 79 -7.57 -6.72 -1.08
N LEU A 80 -7.47 -5.38 -1.06
CA LEU A 80 -6.82 -4.69 -2.16
C LEU A 80 -5.39 -5.18 -2.35
N MET A 81 -4.67 -5.38 -1.24
CA MET A 81 -3.30 -5.85 -1.30
C MET A 81 -3.21 -7.29 -1.76
N ILE A 82 -4.11 -8.16 -1.27
CA ILE A 82 -4.10 -9.54 -1.71
C ILE A 82 -4.41 -9.63 -3.20
N VAL A 83 -5.42 -8.88 -3.65
CA VAL A 83 -5.72 -8.86 -5.08
C VAL A 83 -4.55 -8.29 -5.87
N GLY A 84 -3.92 -7.24 -5.35
CA GLY A 84 -2.76 -6.67 -6.02
C GLY A 84 -1.65 -7.68 -6.20
N LYS A 85 -1.32 -8.42 -5.15
CA LYS A 85 -0.23 -9.38 -5.29
C LYS A 85 -0.62 -10.55 -6.19
N LYS A 86 -1.89 -10.96 -6.16
CA LYS A 86 -2.32 -12.04 -7.05
C LYS A 86 -2.29 -11.59 -8.51
N CYS A 87 -2.76 -10.37 -8.78
CA CYS A 87 -2.69 -9.83 -10.13
C CYS A 87 -1.25 -9.70 -10.60
N ALA A 88 -0.35 -9.24 -9.72
CA ALA A 88 1.05 -9.12 -10.10
C ALA A 88 1.63 -10.46 -10.51
N ALA A 89 1.30 -11.52 -9.77
CA ALA A 89 1.75 -12.86 -10.15
C ALA A 89 1.15 -13.28 -11.47
N ASP A 90 -0.15 -13.04 -11.67
CA ASP A 90 -0.81 -13.42 -12.91
C ASP A 90 -0.23 -12.68 -14.11
N LEU A 91 0.29 -11.47 -13.89
CA LEU A 91 0.93 -10.66 -14.92
C LEU A 91 2.42 -10.95 -15.06
N GLY A 92 2.94 -11.94 -14.34
CA GLY A 92 4.32 -12.35 -14.53
C GLY A 92 5.36 -11.46 -13.91
N LEU A 93 5.02 -10.71 -12.86
CA LEU A 93 5.97 -9.82 -12.20
C LEU A 93 6.80 -10.60 -11.17
N ASN A 94 7.52 -11.59 -11.69
CA ASN A 94 8.22 -12.57 -10.86
C ASN A 94 9.47 -12.00 -10.19
N LYS A 95 9.94 -10.83 -10.61
CA LYS A 95 11.10 -10.21 -10.00
C LYS A 95 10.73 -9.18 -8.94
N GLY A 96 9.45 -8.91 -8.76
CA GLY A 96 8.99 -8.03 -7.71
C GLY A 96 8.23 -6.85 -8.25
N TYR A 97 7.85 -5.98 -7.33
CA TYR A 97 6.98 -4.85 -7.65
C TYR A 97 6.86 -3.99 -6.40
N ARG A 98 6.26 -2.83 -6.58
CA ARG A 98 6.03 -1.88 -5.50
C ARG A 98 4.55 -1.53 -5.46
N MET A 99 4.00 -1.51 -4.25
CA MET A 99 2.62 -1.08 -4.00
C MET A 99 2.66 0.30 -3.36
N VAL A 100 1.74 1.18 -3.78
CA VAL A 100 1.72 2.56 -3.32
C VAL A 100 0.28 3.00 -3.09
N VAL A 101 0.02 3.64 -1.95
CA VAL A 101 -1.23 4.36 -1.71
C VAL A 101 -0.88 5.78 -1.34
N ASN A 102 -1.46 6.74 -2.06
CA ASN A 102 -1.18 8.16 -1.84
C ASN A 102 -2.33 8.85 -1.12
N GLU A 103 -1.98 9.65 -0.11
CA GLU A 103 -2.93 10.44 0.66
C GLU A 103 -2.68 11.92 0.41
N GLY A 104 -3.69 12.61 -0.13
CA GLY A 104 -3.69 14.05 -0.13
C GLY A 104 -2.59 14.69 -0.97
N SER A 105 -2.34 15.95 -0.64
CA SER A 105 -1.49 16.79 -1.48
C SER A 105 -0.04 16.32 -1.45
N ASP A 106 0.52 16.11 -0.26
CA ASP A 106 1.91 15.67 -0.17
C ASP A 106 2.09 14.25 -0.71
N GLY A 107 1.04 13.43 -0.68
CA GLY A 107 1.14 12.13 -1.30
C GLY A 107 1.00 12.14 -2.81
N GLY A 108 0.55 13.26 -3.38
CA GLY A 108 0.33 13.32 -4.80
C GLY A 108 -1.00 12.76 -5.26
N GLN A 109 -1.95 12.57 -4.34
CA GLN A 109 -3.25 12.04 -4.72
C GLN A 109 -3.94 12.95 -5.74
N SER A 110 -4.51 12.35 -6.78
CA SER A 110 -5.18 13.09 -7.83
C SER A 110 -6.61 12.64 -8.07
N VAL A 111 -6.97 11.44 -7.65
CA VAL A 111 -8.35 10.95 -7.70
C VAL A 111 -8.73 10.57 -6.28
N TYR A 112 -9.77 11.22 -5.75
CA TYR A 112 -10.16 11.00 -4.36
C TYR A 112 -11.15 9.83 -4.26
N HIS A 113 -10.62 8.68 -4.65
CA HIS A 113 -11.20 7.37 -4.43
C HIS A 113 -10.00 6.47 -4.17
N VAL A 114 -9.97 5.80 -3.01
CA VAL A 114 -8.79 5.06 -2.59
C VAL A 114 -8.30 4.17 -3.72
N ASN A 115 -6.99 4.25 -3.99
CA ASN A 115 -6.42 3.46 -5.08
C ASN A 115 -5.03 2.98 -4.71
N LEU A 116 -4.81 1.67 -4.86
N LEU A 116 -4.79 1.68 -4.90
CA LEU A 116 -3.53 1.03 -4.63
CA LEU A 116 -3.51 1.05 -4.62
C LEU A 116 -2.84 0.85 -5.97
C LEU A 116 -2.79 0.77 -5.92
N HIS A 117 -1.65 1.44 -6.14
CA HIS A 117 -0.85 1.23 -7.33
C HIS A 117 0.01 -0.01 -7.15
N VAL A 118 0.18 -0.76 -8.24
CA VAL A 118 1.16 -1.83 -8.31
C VAL A 118 2.03 -1.56 -9.53
N LEU A 119 3.34 -1.40 -9.31
CA LEU A 119 4.29 -1.05 -10.36
C LEU A 119 5.38 -2.12 -10.42
N GLY A 120 5.70 -2.58 -11.62
CA GLY A 120 6.76 -3.54 -11.75
C GLY A 120 7.25 -3.63 -13.19
N GLY A 121 8.12 -4.62 -13.42
CA GLY A 121 8.71 -4.80 -14.73
C GLY A 121 9.97 -3.99 -14.96
N ARG A 122 10.43 -3.28 -13.94
CA ARG A 122 11.72 -2.59 -13.96
C ARG A 122 12.19 -2.48 -12.52
N GLN A 123 13.45 -2.15 -12.35
CA GLN A 123 13.97 -1.86 -11.02
C GLN A 123 13.33 -0.58 -10.50
N MET A 124 12.68 -0.67 -9.34
CA MET A 124 12.19 0.51 -8.66
C MET A 124 13.30 1.05 -7.76
N HIS A 125 13.34 2.36 -7.62
CA HIS A 125 14.43 3.04 -6.93
C HIS A 125 13.99 3.55 -5.56
N TRP A 126 14.97 3.94 -4.77
CA TRP A 126 14.73 4.48 -3.44
C TRP A 126 15.34 5.88 -3.41
N PRO A 127 14.67 6.86 -2.80
CA PRO A 127 13.36 6.82 -2.14
C PRO A 127 12.21 6.65 -3.13
N PRO A 128 11.03 6.26 -2.63
CA PRO A 128 9.88 6.03 -3.51
C PRO A 128 9.15 7.34 -3.83
N GLY A 129 9.86 8.22 -4.52
CA GLY A 129 9.40 9.58 -4.71
C GLY A 129 9.86 10.50 -3.59
N GLY B 18 13.79 -17.18 7.62
CA GLY B 18 14.75 -16.87 8.67
C GLY B 18 14.48 -15.55 9.37
N ASP B 19 15.03 -15.41 10.57
CA ASP B 19 14.82 -14.21 11.37
C ASP B 19 15.41 -13.00 10.64
N THR B 20 14.85 -11.83 10.94
CA THR B 20 15.37 -10.57 10.41
C THR B 20 15.54 -9.58 11.55
N ILE B 21 16.15 -8.45 11.20
CA ILE B 21 16.33 -7.37 12.17
C ILE B 21 14.98 -6.86 12.67
N PHE B 22 13.92 -6.96 11.86
CA PHE B 22 12.60 -6.56 12.35
C PHE B 22 12.07 -7.52 13.41
N GLY B 23 12.42 -8.80 13.32
CA GLY B 23 12.14 -9.71 14.42
C GLY B 23 12.82 -9.29 15.70
N LYS B 24 14.08 -8.87 15.60
CA LYS B 24 14.80 -8.40 16.78
C LYS B 24 14.15 -7.16 17.38
N ILE B 25 13.65 -6.28 16.53
CA ILE B 25 12.96 -5.08 17.01
C ILE B 25 11.67 -5.45 17.73
N ILE B 26 10.87 -6.35 17.15
CA ILE B 26 9.65 -6.81 17.81
C ILE B 26 9.96 -7.41 19.17
N ARG B 27 11.02 -8.21 19.25
CA ARG B 27 11.41 -8.88 20.49
C ARG B 27 12.10 -7.96 21.49
N LYS B 28 12.30 -6.69 21.11
CA LYS B 28 12.92 -5.68 21.95
C LYS B 28 14.40 -5.97 22.21
N GLU B 29 15.01 -6.77 21.34
CA GLU B 29 16.42 -7.12 21.50
C GLU B 29 17.35 -6.00 21.06
N ILE B 30 16.89 -5.15 20.15
CA ILE B 30 17.65 -3.97 19.79
C ILE B 30 16.69 -2.78 19.83
N PRO B 31 17.17 -1.57 20.03
CA PRO B 31 16.26 -0.44 20.17
C PRO B 31 15.71 0.05 18.85
N ALA B 32 14.54 0.65 18.94
CA ALA B 32 13.90 1.39 17.86
C ALA B 32 13.02 2.44 18.51
N LYS B 33 12.71 3.50 17.75
CA LYS B 33 11.85 4.57 18.25
C LYS B 33 10.42 4.18 17.94
N ILE B 34 9.77 3.56 18.93
CA ILE B 34 8.46 2.96 18.72
C ILE B 34 7.40 4.04 18.80
N ILE B 35 6.48 4.01 17.83
CA ILE B 35 5.37 4.94 17.76
C ILE B 35 4.10 4.34 18.34
N PHE B 36 3.86 3.07 18.05
CA PHE B 36 2.63 2.40 18.45
C PHE B 36 2.89 0.90 18.48
N GLU B 37 2.18 0.21 19.37
CA GLU B 37 2.25 -1.24 19.42
C GLU B 37 0.88 -1.77 19.81
N ASP B 38 0.52 -2.93 19.28
CA ASP B 38 -0.61 -3.68 19.82
C ASP B 38 -0.22 -5.16 19.87
N ASP B 39 -1.21 -6.04 19.96
CA ASP B 39 -0.92 -7.47 20.05
C ASP B 39 -0.48 -8.07 18.72
N ARG B 40 -0.62 -7.34 17.61
CA ARG B 40 -0.40 -7.93 16.30
C ARG B 40 0.45 -7.10 15.35
N CYS B 41 0.90 -5.92 15.76
CA CYS B 41 1.73 -5.10 14.89
C CYS B 41 2.55 -4.13 15.73
N LEU B 42 3.50 -3.49 15.06
CA LEU B 42 4.42 -2.54 15.68
C LEU B 42 4.72 -1.45 14.65
N ALA B 43 4.67 -0.19 15.07
CA ALA B 43 5.02 0.94 14.23
C ALA B 43 6.22 1.65 14.86
N PHE B 44 7.20 1.98 14.04
CA PHE B 44 8.44 2.56 14.54
C PHE B 44 9.10 3.38 13.44
N HIS B 45 9.86 4.39 13.84
CA HIS B 45 10.52 5.25 12.87
C HIS B 45 11.60 4.47 12.13
N ASP B 46 11.71 4.73 10.82
CA ASP B 46 12.73 4.08 10.01
C ASP B 46 14.09 4.62 10.37
N ILE B 47 15.08 3.73 10.48
CA ILE B 47 16.43 4.16 10.86
C ILE B 47 17.12 4.95 9.75
N SER B 48 16.66 4.82 8.50
CA SER B 48 17.21 5.52 7.35
C SER B 48 16.10 6.33 6.70
N PRO B 49 15.65 7.41 7.34
CA PRO B 49 14.44 8.08 6.86
C PRO B 49 14.64 8.80 5.54
N GLN B 50 13.65 8.68 4.67
CA GLN B 50 13.65 9.27 3.34
C GLN B 50 12.75 10.48 3.24
N ALA B 51 12.13 10.88 4.34
CA ALA B 51 11.28 12.04 4.42
C ALA B 51 11.33 12.54 5.85
N PRO B 52 10.90 13.78 6.10
CA PRO B 52 10.95 14.28 7.49
C PRO B 52 10.22 13.38 8.48
N THR B 53 9.14 12.74 8.06
CA THR B 53 8.53 11.64 8.79
C THR B 53 8.56 10.42 7.90
N HIS B 54 9.16 9.34 8.41
CA HIS B 54 9.24 8.09 7.69
C HIS B 54 9.24 6.97 8.72
N PHE B 55 8.14 6.24 8.79
CA PHE B 55 8.00 5.16 9.75
C PHE B 55 7.50 3.91 9.04
N LEU B 56 7.61 2.79 9.75
CA LEU B 56 7.19 1.49 9.28
C LEU B 56 6.12 0.95 10.20
N VAL B 57 5.17 0.22 9.62
CA VAL B 57 4.21 -0.59 10.36
C VAL B 57 4.40 -2.03 9.92
N ILE B 58 4.68 -2.92 10.87
CA ILE B 58 4.96 -4.31 10.55
C ILE B 58 4.06 -5.23 11.35
N PRO B 59 3.67 -6.37 10.79
CA PRO B 59 2.96 -7.37 11.58
C PRO B 59 3.94 -8.09 12.49
N LYS B 60 3.42 -8.56 13.62
CA LYS B 60 4.22 -9.42 14.48
C LYS B 60 4.36 -10.82 13.88
N LYS B 61 3.36 -11.26 13.14
CA LYS B 61 3.48 -12.50 12.39
C LYS B 61 4.54 -12.33 11.31
N HIS B 62 5.46 -13.28 11.21
CA HIS B 62 6.53 -13.15 10.22
C HIS B 62 6.05 -13.62 8.86
N ILE B 63 5.46 -12.69 8.11
CA ILE B 63 5.19 -12.86 6.69
C ILE B 63 6.40 -12.26 5.98
N SER B 64 7.08 -13.05 5.15
CA SER B 64 8.36 -12.59 4.62
C SER B 64 8.20 -11.52 3.55
N GLN B 65 7.11 -11.56 2.79
CA GLN B 65 6.89 -10.63 1.70
C GLN B 65 5.44 -10.73 1.29
N ILE B 66 4.94 -9.65 0.68
CA ILE B 66 3.52 -9.60 0.37
C ILE B 66 3.13 -10.70 -0.61
N SER B 67 4.06 -11.15 -1.47
CA SER B 67 3.71 -12.16 -2.47
C SER B 67 3.32 -13.49 -1.84
N VAL B 68 3.72 -13.75 -0.59
CA VAL B 68 3.36 -15.00 0.07
C VAL B 68 2.28 -14.80 1.13
N ALA B 69 1.73 -13.61 1.26
CA ALA B 69 0.62 -13.42 2.19
C ALA B 69 -0.57 -14.27 1.77
N GLU B 70 -1.31 -14.74 2.76
CA GLU B 70 -2.45 -15.63 2.54
C GLU B 70 -3.75 -14.85 2.61
N ASP B 71 -4.81 -15.46 2.08
CA ASP B 71 -6.13 -14.84 2.13
C ASP B 71 -6.53 -14.54 3.57
N ASP B 72 -6.20 -15.43 4.50
CA ASP B 72 -6.55 -15.22 5.90
C ASP B 72 -5.82 -14.03 6.52
N ASP B 73 -4.81 -13.48 5.84
CA ASP B 73 -4.07 -12.33 6.32
C ASP B 73 -4.70 -11.01 5.92
N GLU B 74 -5.84 -11.00 5.23
CA GLU B 74 -6.39 -9.76 4.68
CA GLU B 74 -6.36 -9.75 4.67
C GLU B 74 -6.65 -8.73 5.77
N SER B 75 -7.31 -9.12 6.84
CA SER B 75 -7.64 -8.17 7.90
CA SER B 75 -7.63 -8.12 7.85
C SER B 75 -6.37 -7.63 8.57
N LEU B 76 -5.38 -8.50 8.76
CA LEU B 76 -4.12 -8.08 9.36
C LEU B 76 -3.42 -7.05 8.47
N LEU B 77 -3.39 -7.30 7.16
CA LEU B 77 -2.76 -6.34 6.25
C LEU B 77 -3.50 -5.01 6.28
N GLY B 78 -4.83 -5.05 6.27
CA GLY B 78 -5.59 -3.82 6.39
C GLY B 78 -5.36 -3.12 7.72
N HIS B 79 -5.17 -3.90 8.79
CA HIS B 79 -4.84 -3.34 10.08
C HIS B 79 -3.54 -2.53 10.02
N LEU B 80 -2.54 -3.01 9.27
CA LEU B 80 -1.31 -2.23 9.12
C LEU B 80 -1.62 -0.86 8.52
N MET B 81 -2.52 -0.82 7.54
CA MET B 81 -2.85 0.45 6.89
C MET B 81 -3.65 1.36 7.80
N ILE B 82 -4.60 0.81 8.57
CA ILE B 82 -5.37 1.63 9.50
C ILE B 82 -4.46 2.18 10.60
N VAL B 83 -3.60 1.32 11.16
CA VAL B 83 -2.61 1.79 12.14
C VAL B 83 -1.72 2.84 11.52
N GLY B 84 -1.28 2.62 10.28
CA GLY B 84 -0.44 3.60 9.62
C GLY B 84 -1.12 4.95 9.47
N LYS B 85 -2.38 4.95 9.03
CA LYS B 85 -3.04 6.25 8.84
C LYS B 85 -3.32 6.94 10.18
N LYS B 86 -3.62 6.16 11.22
CA LYS B 86 -3.81 6.75 12.55
C LYS B 86 -2.50 7.32 13.09
N CYS B 87 -1.39 6.59 12.91
CA CYS B 87 -0.10 7.11 13.35
C CYS B 87 0.27 8.37 12.56
N ALA B 88 -0.02 8.38 11.26
CA ALA B 88 0.30 9.55 10.44
C ALA B 88 -0.45 10.79 10.96
N ALA B 89 -1.73 10.63 11.31
CA ALA B 89 -2.46 11.75 11.88
C ALA B 89 -1.86 12.19 13.21
N ASP B 90 -1.50 11.23 14.06
CA ASP B 90 -0.92 11.56 15.36
C ASP B 90 0.42 12.27 15.21
N LEU B 91 1.17 11.97 14.14
CA LEU B 91 2.45 12.60 13.89
C LEU B 91 2.33 13.90 13.10
N GLY B 92 1.11 14.37 12.89
CA GLY B 92 0.89 15.69 12.32
C GLY B 92 0.96 15.78 10.80
N LEU B 93 0.78 14.68 10.09
CA LEU B 93 0.89 14.68 8.62
C LEU B 93 -0.42 15.11 7.95
N ASN B 94 -0.84 16.33 8.27
CA ASN B 94 -2.13 16.81 7.79
C ASN B 94 -2.13 17.24 6.33
N LYS B 95 -0.97 17.34 5.69
CA LYS B 95 -0.92 17.65 4.27
C LYS B 95 -0.84 16.40 3.40
N GLY B 96 -0.77 15.23 4.00
CA GLY B 96 -0.76 13.98 3.26
C GLY B 96 0.51 13.18 3.49
N TYR B 97 0.58 12.06 2.78
CA TYR B 97 1.66 11.11 2.97
C TYR B 97 1.53 10.03 1.91
N ARG B 98 2.55 9.18 1.83
CA ARG B 98 2.58 8.07 0.90
C ARG B 98 2.83 6.79 1.67
N MET B 99 2.06 5.76 1.35
CA MET B 99 2.26 4.42 1.90
C MET B 99 2.86 3.53 0.83
N VAL B 100 3.85 2.72 1.23
CA VAL B 100 4.58 1.88 0.27
C VAL B 100 4.79 0.49 0.85
N VAL B 101 4.57 -0.54 0.03
CA VAL B 101 5.03 -1.89 0.32
C VAL B 101 5.91 -2.34 -0.83
N ASN B 102 7.12 -2.80 -0.52
CA ASN B 102 8.06 -3.27 -1.52
C ASN B 102 8.08 -4.79 -1.56
N GLU B 103 8.10 -5.36 -2.77
CA GLU B 103 8.19 -6.79 -2.97
C GLU B 103 9.42 -7.15 -3.79
N GLY B 104 10.31 -7.94 -3.22
CA GLY B 104 11.38 -8.54 -3.99
C GLY B 104 12.42 -7.55 -4.50
N SER B 105 13.20 -8.08 -5.45
N SER B 105 13.21 -8.05 -5.46
CA SER B 105 14.35 -7.35 -5.98
CA SER B 105 14.36 -7.28 -5.92
C SER B 105 13.93 -6.10 -6.73
C SER B 105 13.94 -6.07 -6.74
N ASP B 106 13.03 -6.25 -7.70
CA ASP B 106 12.57 -5.09 -8.46
C ASP B 106 11.82 -4.09 -7.58
N GLY B 107 11.14 -4.57 -6.53
CA GLY B 107 10.48 -3.67 -5.62
C GLY B 107 11.41 -2.95 -4.67
N GLY B 108 12.69 -3.33 -4.62
CA GLY B 108 13.61 -2.72 -3.69
C GLY B 108 13.37 -3.11 -2.25
N GLN B 109 12.75 -4.27 -1.99
CA GLN B 109 12.49 -4.69 -0.63
C GLN B 109 13.82 -4.90 0.11
N SER B 110 13.97 -4.24 1.25
CA SER B 110 15.24 -4.26 1.98
C SER B 110 15.27 -5.25 3.12
N VAL B 111 14.11 -5.65 3.65
CA VAL B 111 14.01 -6.61 4.75
C VAL B 111 12.89 -7.58 4.39
N TYR B 112 13.17 -8.88 4.49
CA TYR B 112 12.16 -9.89 4.18
C TYR B 112 11.27 -10.17 5.39
N HIS B 113 10.59 -9.11 5.81
CA HIS B 113 9.51 -9.13 6.78
C HIS B 113 8.57 -8.03 6.28
N VAL B 114 7.32 -8.39 5.98
CA VAL B 114 6.40 -7.42 5.39
C VAL B 114 6.41 -6.14 6.20
N ASN B 115 6.55 -5.01 5.52
CA ASN B 115 6.60 -3.74 6.20
C ASN B 115 5.97 -2.65 5.34
N LEU B 116 5.08 -1.88 5.96
CA LEU B 116 4.41 -0.77 5.30
C LEU B 116 5.16 0.50 5.65
N HIS B 117 5.73 1.16 4.64
CA HIS B 117 6.35 2.46 4.84
C HIS B 117 5.28 3.55 4.79
N VAL B 118 5.44 4.55 5.66
CA VAL B 118 4.61 5.75 5.63
C VAL B 118 5.56 6.94 5.63
N LEU B 119 5.48 7.76 4.58
CA LEU B 119 6.39 8.87 4.36
C LEU B 119 5.62 10.16 4.19
N GLY B 120 6.06 11.21 4.88
CA GLY B 120 5.44 12.50 4.70
C GLY B 120 6.29 13.61 5.28
N GLY B 121 5.70 14.79 5.38
CA GLY B 121 6.45 15.96 5.80
C GLY B 121 7.19 16.66 4.68
N ARG B 122 7.04 16.18 3.45
CA ARG B 122 7.54 16.84 2.26
C ARG B 122 6.65 16.40 1.11
N GLN B 123 6.75 17.11 -0.01
CA GLN B 123 6.09 16.65 -1.22
C GLN B 123 6.73 15.34 -1.68
N MET B 124 5.90 14.31 -1.85
CA MET B 124 6.34 13.07 -2.48
C MET B 124 6.13 13.21 -3.98
N HIS B 125 7.07 12.66 -4.75
CA HIS B 125 7.14 12.92 -6.19
C HIS B 125 6.70 11.70 -6.98
N TRP B 126 6.54 11.91 -8.29
CA TRP B 126 6.07 10.86 -9.18
C TRP B 126 7.03 10.83 -10.35
N PRO B 127 7.49 9.64 -10.76
CA PRO B 127 7.11 8.30 -10.29
C PRO B 127 7.62 7.99 -8.88
N PRO B 128 7.03 6.99 -8.22
CA PRO B 128 7.43 6.65 -6.84
C PRO B 128 8.63 5.74 -6.81
N GLY B 129 9.75 6.25 -7.31
CA GLY B 129 10.92 5.43 -7.58
C GLY B 129 10.86 4.81 -8.95
#